data_1GLU
#
_entry.id   1GLU
#
_cell.length_a   38.500
_cell.length_b   95.700
_cell.length_c   120.500
_cell.angle_alpha   90.00
_cell.angle_beta   90.00
_cell.angle_gamma   90.00
#
_symmetry.space_group_name_H-M   'P 21 21 21'
#
loop_
_entity.id
_entity.type
_entity.pdbx_description
1 polymer "DNA (5'-D(*CP*CP*AP*GP*AP*AP*CP*AP*TP*CP*GP*AP*TP*GP*TP*TP*C P*TP*G)-3')"
2 polymer 'PROTEIN (GLUCOCORTICOID RECEPTOR)'
3 non-polymer 'ZINC ION'
4 water water
#
loop_
_entity_poly.entity_id
_entity_poly.type
_entity_poly.pdbx_seq_one_letter_code
_entity_poly.pdbx_strand_id
1 'polydeoxyribonucleotide' (DC)(DC)(DA)(DG)(DA)(DA)(DC)(DA)(DT)(DC)(DG)(DA)(DT)(DG)(DT)(DT)(DC)(DT)(DG) C,D
2 'polypeptide(L)'
;MKPARPCLVCSDEASGCHYGVLTCGSCKVFFKRAVEGQHNYLCAGRNDCIIDKIRRKNCPACRYRKCLQAGMNLEARKTK
K
;
A,B
#
loop_
_chem_comp.id
_chem_comp.type
_chem_comp.name
_chem_comp.formula
DA DNA linking 2'-DEOXYADENOSINE-5'-MONOPHOSPHATE 'C10 H14 N5 O6 P'
DC DNA linking 2'-DEOXYCYTIDINE-5'-MONOPHOSPHATE 'C9 H14 N3 O7 P'
DG DNA linking 2'-DEOXYGUANOSINE-5'-MONOPHOSPHATE 'C10 H14 N5 O7 P'
DT DNA linking THYMIDINE-5'-MONOPHOSPHATE 'C10 H15 N2 O8 P'
ZN non-polymer 'ZINC ION' 'Zn 2'
#
# COMPACT_ATOMS: atom_id res chain seq x y z
N MET C 1 3.18 -32.58 -3.47
CA MET C 1 3.63 -32.90 -2.11
C MET C 1 2.84 -32.10 -1.09
N LYS C 2 3.40 -31.94 0.08
CA LYS C 2 3.09 -30.76 0.88
C LYS C 2 4.01 -30.62 2.07
N PRO C 3 5.18 -30.01 1.91
CA PRO C 3 5.62 -28.81 2.65
C PRO C 3 5.58 -27.58 1.73
N ALA C 4 6.74 -27.25 1.11
CA ALA C 4 6.77 -26.55 -0.24
C ALA C 4 7.22 -25.06 -0.18
N ARG C 5 8.48 -24.72 0.09
CA ARG C 5 9.05 -23.36 -0.23
C ARG C 5 7.99 -22.22 -0.14
N PRO C 6 7.04 -22.07 -1.13
CA PRO C 6 6.24 -20.81 -1.32
C PRO C 6 5.08 -20.58 -0.30
N CYS C 7 5.28 -19.41 0.35
CA CYS C 7 4.32 -18.75 1.23
C CYS C 7 2.95 -18.79 0.55
N LEU C 8 1.96 -19.25 1.26
CA LEU C 8 0.64 -19.46 0.62
C LEU C 8 -0.14 -18.16 0.46
N VAL C 9 0.51 -17.07 0.85
CA VAL C 9 -0.22 -15.78 0.81
C VAL C 9 0.57 -14.63 0.24
N CYS C 10 1.83 -14.85 -0.01
CA CYS C 10 2.71 -13.85 -0.57
C CYS C 10 3.91 -14.52 -1.17
N SER C 11 3.82 -15.79 -1.47
CA SER C 11 4.78 -16.63 -2.12
C SER C 11 6.23 -16.23 -1.89
N ASP C 12 6.60 -15.93 -0.68
CA ASP C 12 8.07 -15.71 -0.35
C ASP C 12 8.45 -17.07 0.33
N GLU C 13 9.64 -17.11 0.87
CA GLU C 13 10.18 -18.38 1.45
C GLU C 13 9.30 -18.71 2.64
N ALA C 14 8.55 -19.78 2.67
CA ALA C 14 7.76 -19.95 3.92
C ALA C 14 8.72 -20.51 4.97
N SER C 15 8.37 -20.41 6.23
CA SER C 15 9.28 -20.91 7.26
C SER C 15 8.72 -22.10 8.03
N GLY C 16 7.50 -22.54 7.70
CA GLY C 16 6.86 -23.64 8.40
C GLY C 16 5.38 -23.38 8.60
N CYS C 17 4.64 -24.40 9.10
CA CYS C 17 3.24 -24.16 9.37
C CYS C 17 3.12 -23.01 10.37
N HIS C 18 2.99 -21.78 9.90
CA HIS C 18 2.61 -20.66 10.81
C HIS C 18 1.11 -20.57 10.80
N TYR C 19 0.51 -20.36 11.94
CA TYR C 19 -0.88 -20.28 12.30
C TYR C 19 -1.86 -21.16 11.57
N GLY C 20 -1.47 -22.18 10.90
CA GLY C 20 -2.42 -23.07 10.20
C GLY C 20 -1.78 -23.45 8.85
N VAL C 21 -1.20 -22.42 8.26
CA VAL C 21 -0.71 -22.45 6.89
C VAL C 21 0.75 -22.33 6.61
N LEU C 22 1.20 -23.00 5.56
CA LEU C 22 2.68 -22.91 5.30
C LEU C 22 2.90 -21.43 5.02
N THR C 23 3.85 -20.74 5.57
CA THR C 23 3.90 -19.27 5.41
C THR C 23 5.19 -18.61 5.83
N CYS C 24 5.38 -17.31 5.73
CA CYS C 24 6.64 -16.73 6.19
C CYS C 24 6.52 -15.98 7.53
N GLY C 25 7.72 -15.58 7.97
CA GLY C 25 7.85 -14.78 9.22
C GLY C 25 6.88 -13.60 9.14
N SER C 26 7.10 -12.72 8.18
CA SER C 26 6.28 -11.52 7.91
C SER C 26 4.80 -11.80 8.13
N CYS C 27 4.24 -12.51 7.16
CA CYS C 27 2.81 -12.90 7.25
C CYS C 27 2.50 -13.52 8.62
N LYS C 28 3.33 -14.44 9.04
CA LYS C 28 3.17 -15.11 10.36
C LYS C 28 2.79 -14.05 11.39
N VAL C 29 3.70 -13.12 11.52
CA VAL C 29 3.65 -12.00 12.39
C VAL C 29 2.45 -11.12 12.04
N PHE C 30 2.27 -10.90 10.74
CA PHE C 30 1.24 -9.97 10.29
C PHE C 30 -0.14 -10.44 10.74
N PHE C 31 -0.27 -11.76 10.71
CA PHE C 31 -1.60 -12.29 11.03
C PHE C 31 -1.98 -11.97 12.47
N LYS C 32 -1.15 -12.41 13.40
CA LYS C 32 -1.40 -12.21 14.83
C LYS C 32 -1.75 -10.73 15.07
N ARG C 33 -0.81 -9.91 14.70
CA ARG C 33 -0.88 -8.45 14.86
C ARG C 33 -2.21 -7.93 14.29
N ALA C 34 -2.57 -8.48 13.15
CA ALA C 34 -3.81 -8.13 12.45
C ALA C 34 -5.02 -8.41 13.35
N VAL C 35 -5.07 -9.63 13.83
CA VAL C 35 -6.27 -10.20 14.47
C VAL C 35 -6.47 -9.62 15.88
N GLU C 36 -5.47 -9.04 16.49
CA GLU C 36 -5.70 -8.61 17.87
C GLU C 36 -5.35 -7.18 18.11
N GLY C 37 -5.17 -6.41 17.04
CA GLY C 37 -4.74 -4.99 17.16
C GLY C 37 -5.90 -4.09 16.69
N GLN C 38 -5.64 -2.82 16.70
CA GLN C 38 -6.50 -1.76 16.14
C GLN C 38 -5.78 -1.37 14.82
N HIS C 39 -6.59 -1.08 13.81
CA HIS C 39 -5.99 -0.77 12.49
C HIS C 39 -7.01 -0.05 11.61
N ASN C 40 -6.51 0.65 10.59
CA ASN C 40 -7.40 1.23 9.55
C ASN C 40 -7.04 0.64 8.20
N TYR C 41 -7.15 -0.62 8.23
CA TYR C 41 -6.94 -1.27 6.94
C TYR C 41 -8.11 -0.97 6.02
N LEU C 42 -7.81 -0.20 4.99
CA LEU C 42 -8.69 -0.08 3.83
C LEU C 42 -7.89 -0.21 2.55
N CYS C 43 -8.56 -0.86 1.63
CA CYS C 43 -8.04 -1.14 0.30
C CYS C 43 -8.42 0.02 -0.62
N ALA C 44 -7.42 0.35 -1.43
CA ALA C 44 -7.59 1.43 -2.39
C ALA C 44 -8.33 0.99 -3.64
N GLY C 45 -8.32 -0.27 -4.03
CA GLY C 45 -8.94 -0.75 -5.25
C GLY C 45 -10.32 -1.32 -5.06
N ARG C 46 -10.49 -2.63 -5.23
CA ARG C 46 -11.83 -3.21 -5.10
C ARG C 46 -11.79 -4.58 -4.44
N ASN C 47 -11.11 -4.70 -3.39
CA ASN C 47 -10.54 -5.73 -2.57
C ASN C 47 -10.12 -6.99 -3.32
N ASP C 48 -9.18 -7.00 -4.20
CA ASP C 48 -8.57 -8.20 -4.75
C ASP C 48 -7.14 -7.90 -5.20
N CYS C 49 -6.37 -7.20 -4.39
CA CYS C 49 -5.03 -6.86 -4.89
C CYS C 49 -4.21 -8.14 -4.77
N ILE C 50 -3.26 -8.23 -5.65
CA ILE C 50 -2.23 -9.22 -5.66
C ILE C 50 -1.34 -9.03 -4.42
N ILE C 51 -1.19 -10.01 -3.56
CA ILE C 51 -0.19 -9.97 -2.47
C ILE C 51 1.08 -10.62 -3.04
N ASP C 52 2.26 -10.21 -2.68
CA ASP C 52 3.50 -10.66 -3.35
C ASP C 52 4.68 -10.03 -2.63
N LYS C 53 5.86 -10.68 -2.69
CA LYS C 53 6.92 -10.26 -1.75
C LYS C 53 6.97 -8.74 -1.57
N ILE C 54 6.59 -8.00 -2.61
CA ILE C 54 6.67 -6.52 -2.56
C ILE C 54 5.32 -5.89 -2.20
N ARG C 55 4.34 -6.18 -3.05
CA ARG C 55 3.03 -5.50 -3.02
C ARG C 55 2.35 -5.65 -1.66
N ARG C 56 2.75 -6.70 -0.96
CA ARG C 56 2.06 -7.14 0.27
C ARG C 56 2.07 -6.05 1.34
N LYS C 57 2.84 -5.00 1.10
CA LYS C 57 2.83 -3.82 1.98
C LYS C 57 1.78 -2.82 1.51
N ASN C 58 1.41 -2.97 0.25
CA ASN C 58 0.42 -2.07 -0.38
C ASN C 58 -0.95 -2.25 0.31
N CYS C 59 -1.52 -3.44 0.24
CA CYS C 59 -2.86 -3.61 0.77
C CYS C 59 -2.93 -4.57 1.91
N PRO C 60 -2.60 -4.11 3.09
CA PRO C 60 -2.68 -4.99 4.26
C PRO C 60 -4.13 -5.41 4.33
N ALA C 61 -5.07 -4.63 3.92
CA ALA C 61 -6.50 -5.03 3.98
C ALA C 61 -6.76 -6.29 3.19
N CYS C 62 -6.08 -6.33 2.09
CA CYS C 62 -6.12 -7.44 1.15
C CYS C 62 -5.32 -8.63 1.68
N ARG C 63 -4.20 -8.41 2.31
CA ARG C 63 -3.33 -9.45 2.85
C ARG C 63 -4.16 -10.22 3.88
N TYR C 64 -4.45 -9.50 4.95
CA TYR C 64 -5.35 -9.94 6.01
C TYR C 64 -6.46 -10.74 5.35
N ARG C 65 -7.18 -10.24 4.35
CA ARG C 65 -8.21 -11.12 3.75
C ARG C 65 -7.50 -12.36 3.25
N LYS C 66 -6.49 -12.28 2.44
CA LYS C 66 -5.79 -13.47 1.93
C LYS C 66 -5.51 -14.41 3.11
N CYS C 67 -5.03 -13.87 4.22
CA CYS C 67 -4.78 -14.60 5.46
C CYS C 67 -6.09 -15.34 5.72
N LEU C 68 -7.03 -14.75 6.36
CA LEU C 68 -8.34 -15.37 6.59
C LEU C 68 -8.70 -16.42 5.56
N GLN C 69 -8.53 -16.18 4.30
CA GLN C 69 -8.85 -16.99 3.11
C GLN C 69 -8.14 -18.34 3.14
N ALA C 70 -6.89 -18.30 3.54
CA ALA C 70 -5.97 -19.45 3.41
C ALA C 70 -6.04 -20.39 4.63
N GLY C 71 -6.71 -19.93 5.67
CA GLY C 71 -7.02 -20.80 6.84
C GLY C 71 -6.41 -20.24 8.15
N MET C 72 -5.30 -19.58 8.05
CA MET C 72 -4.66 -19.00 9.25
C MET C 72 -5.73 -18.76 10.34
N ASN C 73 -5.54 -19.47 11.44
CA ASN C 73 -6.37 -19.30 12.63
C ASN C 73 -5.48 -19.01 13.83
N LEU C 74 -5.94 -18.14 14.73
CA LEU C 74 -5.06 -17.81 15.85
C LEU C 74 -4.93 -18.94 16.88
N GLU C 75 -6.05 -19.20 17.50
CA GLU C 75 -6.42 -20.27 18.44
C GLU C 75 -6.57 -21.55 17.65
N ALA C 76 -5.44 -22.02 17.13
CA ALA C 76 -5.45 -23.11 16.15
C ALA C 76 -4.39 -24.17 16.46
N ARG C 77 -4.66 -25.33 15.89
CA ARG C 77 -3.86 -26.56 16.00
C ARG C 77 -2.39 -26.28 15.62
N LYS C 78 -1.54 -26.24 16.63
CA LYS C 78 -0.09 -25.93 16.48
C LYS C 78 0.67 -27.18 16.02
N THR C 79 1.02 -27.16 14.73
CA THR C 79 1.65 -28.31 14.07
C THR C 79 2.36 -28.06 12.77
N LYS C 80 3.10 -29.10 12.46
CA LYS C 80 3.56 -29.40 11.11
C LYS C 80 4.73 -30.39 11.08
N LYS C 81 5.76 -30.27 11.85
CA LYS C 81 6.81 -31.31 11.81
C LYS C 81 6.18 -32.70 11.67
N MET D 1 -14.30 25.55 12.14
CA MET D 1 -13.16 24.71 11.73
C MET D 1 -12.40 25.46 10.63
N LYS D 2 -11.61 24.74 9.88
CA LYS D 2 -11.08 25.28 8.61
C LYS D 2 -12.20 25.16 7.58
N PRO D 3 -12.30 26.00 6.54
CA PRO D 3 -12.99 25.57 5.34
C PRO D 3 -12.21 24.47 4.69
N ALA D 4 -11.93 24.64 3.42
CA ALA D 4 -11.21 23.60 2.67
C ALA D 4 -10.84 24.08 1.27
N ARG D 5 -9.65 23.66 0.89
CA ARG D 5 -9.13 23.77 -0.49
C ARG D 5 -8.23 22.58 -0.79
N PRO D 6 -8.82 21.49 -1.32
CA PRO D 6 -8.18 20.18 -1.36
C PRO D 6 -7.08 20.11 -2.39
N CYS D 7 -6.06 19.40 -2.01
CA CYS D 7 -4.93 19.14 -2.88
C CYS D 7 -5.41 18.43 -4.16
N LEU D 8 -4.74 18.78 -5.24
CA LEU D 8 -5.11 18.34 -6.61
C LEU D 8 -4.86 16.85 -6.81
N VAL D 9 -4.25 16.14 -5.84
CA VAL D 9 -3.87 14.72 -6.05
C VAL D 9 -4.09 13.78 -4.84
N CYS D 10 -4.36 14.27 -3.67
CA CYS D 10 -5.07 13.44 -2.68
C CYS D 10 -6.42 14.07 -2.48
N SER D 11 -6.62 14.59 -1.32
CA SER D 11 -7.72 15.53 -1.13
C SER D 11 -7.50 16.31 0.14
N ASP D 12 -6.38 16.09 0.74
CA ASP D 12 -6.06 16.68 2.06
C ASP D 12 -6.19 18.18 1.84
N GLU D 13 -6.14 18.87 2.94
CA GLU D 13 -6.12 20.36 3.03
C GLU D 13 -4.73 20.81 2.53
N ALA D 14 -4.68 21.21 1.29
CA ALA D 14 -3.56 21.75 0.50
C ALA D 14 -2.79 22.79 1.33
N SER D 15 -1.54 23.00 0.95
CA SER D 15 -0.67 23.94 1.67
C SER D 15 -0.34 25.16 0.78
N GLY D 16 0.12 24.88 -0.42
CA GLY D 16 0.41 25.91 -1.43
C GLY D 16 0.60 25.24 -2.77
N CYS D 17 0.94 26.02 -3.78
CA CYS D 17 1.38 25.43 -5.05
C CYS D 17 2.66 24.65 -4.81
N HIS D 18 2.68 23.42 -5.23
CA HIS D 18 3.88 22.60 -5.14
C HIS D 18 4.21 22.02 -6.49
N TYR D 19 5.46 22.21 -6.85
CA TYR D 19 5.94 21.83 -8.17
C TYR D 19 4.79 21.96 -9.16
N GLY D 20 4.06 23.04 -9.07
CA GLY D 20 3.14 23.45 -10.06
C GLY D 20 1.69 23.22 -9.78
N VAL D 21 1.34 22.51 -8.74
CA VAL D 21 -0.08 22.14 -8.50
C VAL D 21 -0.37 22.42 -7.05
N LEU D 22 -1.65 22.60 -6.81
CA LEU D 22 -2.08 22.95 -5.41
C LEU D 22 -1.97 21.60 -4.71
N THR D 23 -0.99 21.25 -3.96
CA THR D 23 -0.95 19.96 -3.28
C THR D 23 -0.66 20.20 -1.79
N CYS D 24 -0.82 19.17 -0.99
CA CYS D 24 -0.48 19.29 0.44
C CYS D 24 1.02 19.08 0.60
N GLY D 25 1.41 19.12 1.85
CA GLY D 25 2.79 18.89 2.22
C GLY D 25 3.34 17.55 1.73
N SER D 26 2.63 16.47 2.08
CA SER D 26 3.07 15.14 1.69
C SER D 26 3.18 15.06 0.16
N CYS D 27 2.11 15.34 -0.54
CA CYS D 27 2.23 15.21 -2.03
C CYS D 27 3.47 15.92 -2.54
N LYS D 28 3.78 17.06 -1.90
CA LYS D 28 4.94 17.88 -2.11
C LYS D 28 6.22 17.05 -2.07
N VAL D 29 6.58 16.42 -0.95
CA VAL D 29 7.87 15.72 -0.92
C VAL D 29 7.81 14.31 -1.50
N PHE D 30 6.62 13.75 -1.50
CA PHE D 30 6.43 12.42 -2.09
C PHE D 30 6.84 12.47 -3.56
N PHE D 31 6.30 13.46 -4.26
CA PHE D 31 6.57 13.62 -5.69
C PHE D 31 8.06 13.88 -5.93
N LYS D 32 8.60 14.76 -5.11
CA LYS D 32 10.02 15.17 -5.23
C LYS D 32 10.94 13.94 -5.12
N ARG D 33 10.69 13.14 -4.11
CA ARG D 33 11.51 11.97 -3.78
C ARG D 33 11.34 10.89 -4.87
N ALA D 34 10.13 10.81 -5.38
CA ALA D 34 9.77 9.86 -6.44
C ALA D 34 10.49 10.26 -7.73
N VAL D 35 10.41 11.53 -8.08
CA VAL D 35 10.97 12.03 -9.31
C VAL D 35 12.49 11.96 -9.33
N GLU D 36 13.04 12.10 -8.12
CA GLU D 36 14.50 12.29 -8.09
C GLU D 36 15.24 10.99 -8.37
N GLY D 37 14.47 9.98 -8.75
CA GLY D 37 15.05 8.72 -9.24
C GLY D 37 14.18 7.54 -8.82
N GLN D 38 14.41 6.47 -9.55
CA GLN D 38 13.89 5.14 -9.24
C GLN D 38 12.47 5.25 -8.67
N HIS D 39 11.52 5.37 -9.59
CA HIS D 39 10.09 5.27 -9.27
C HIS D 39 9.52 3.97 -9.83
N ASN D 40 10.26 2.85 -9.64
CA ASN D 40 9.73 1.57 -10.16
C ASN D 40 8.84 0.87 -9.11
N TYR D 41 7.57 1.17 -9.15
CA TYR D 41 6.70 0.52 -8.21
C TYR D 41 5.64 -0.18 -9.01
N LEU D 42 5.15 -1.24 -8.45
CA LEU D 42 4.07 -2.01 -9.07
C LEU D 42 2.78 -1.76 -8.33
N CYS D 43 1.73 -1.69 -9.10
CA CYS D 43 0.40 -1.51 -8.53
C CYS D 43 -0.16 -2.87 -8.08
N ALA D 44 -0.91 -3.01 -7.02
CA ALA D 44 -1.47 -4.25 -6.59
C ALA D 44 -2.86 -4.46 -7.23
N GLY D 45 -3.33 -3.37 -7.85
CA GLY D 45 -4.70 -3.37 -8.40
C GLY D 45 -4.64 -3.22 -9.90
N ARG D 46 -5.71 -2.64 -10.45
CA ARG D 46 -5.65 -2.57 -11.94
C ARG D 46 -5.41 -1.15 -12.31
N ASN D 47 -4.28 -0.65 -11.89
CA ASN D 47 -3.80 0.67 -12.24
C ASN D 47 -4.72 1.83 -12.09
N ASP D 48 -5.61 1.78 -11.14
CA ASP D 48 -6.53 2.90 -10.89
C ASP D 48 -6.91 3.03 -9.44
N CYS D 49 -6.04 3.31 -8.51
CA CYS D 49 -6.50 3.18 -7.08
C CYS D 49 -7.21 4.45 -6.74
N ILE D 50 -8.05 4.54 -5.77
CA ILE D 50 -8.74 5.72 -5.23
C ILE D 50 -7.77 6.39 -4.28
N ILE D 51 -8.05 7.56 -3.76
CA ILE D 51 -7.04 8.27 -2.92
C ILE D 51 -7.64 9.15 -1.83
N ASP D 52 -6.78 9.44 -0.86
CA ASP D 52 -7.28 10.28 0.25
C ASP D 52 -6.36 10.21 1.46
N LYS D 53 -6.65 11.15 2.36
CA LYS D 53 -5.82 11.26 3.56
C LYS D 53 -5.27 9.90 4.05
N ILE D 54 -5.99 8.78 3.85
CA ILE D 54 -5.41 7.44 4.20
C ILE D 54 -4.85 6.69 2.99
N ARG D 55 -5.73 6.34 2.08
CA ARG D 55 -5.46 5.35 1.01
C ARG D 55 -4.21 5.74 0.22
N ARG D 56 -3.87 7.01 0.27
CA ARG D 56 -2.75 7.66 -0.39
C ARG D 56 -1.46 6.94 -0.07
N LYS D 57 -1.24 6.49 1.16
CA LYS D 57 0.09 5.82 1.33
C LYS D 57 0.01 4.38 0.87
N ASN D 58 -1.13 3.86 0.45
CA ASN D 58 -1.29 2.49 -0.04
C ASN D 58 -0.54 2.20 -1.32
N CYS D 59 -0.53 3.03 -2.33
CA CYS D 59 0.04 2.72 -3.64
C CYS D 59 0.78 3.89 -4.23
N PRO D 60 2.07 3.89 -4.00
CA PRO D 60 2.94 4.93 -4.57
C PRO D 60 2.90 4.90 -6.10
N ALA D 61 2.69 3.77 -6.73
CA ALA D 61 2.65 3.68 -8.20
C ALA D 61 1.56 4.61 -8.69
N CYS D 62 0.38 4.41 -8.15
CA CYS D 62 -0.75 5.26 -8.60
C CYS D 62 -0.53 6.69 -8.16
N ARG D 63 -0.14 6.97 -6.96
CA ARG D 63 0.03 8.37 -6.48
C ARG D 63 1.01 8.99 -7.44
N TYR D 64 2.08 8.33 -7.79
CA TYR D 64 3.04 9.07 -8.64
C TYR D 64 2.34 9.40 -9.95
N ARG D 65 1.40 8.53 -10.31
CA ARG D 65 0.79 8.76 -11.63
C ARG D 65 -0.20 9.87 -11.55
N LYS D 66 -0.71 10.10 -10.36
CA LYS D 66 -1.71 11.16 -10.13
C LYS D 66 -1.02 12.52 -10.00
N CYS D 67 0.23 12.47 -9.61
CA CYS D 67 1.08 13.68 -9.55
C CYS D 67 1.36 14.18 -10.95
N LEU D 68 1.92 13.28 -11.73
CA LEU D 68 2.20 13.47 -13.15
C LEU D 68 0.99 14.11 -13.85
N GLN D 69 -0.20 13.63 -13.49
CA GLN D 69 -1.44 13.98 -14.21
C GLN D 69 -1.89 15.39 -13.86
N ALA D 70 -1.81 15.67 -12.58
CA ALA D 70 -2.18 16.98 -12.03
C ALA D 70 -1.38 18.08 -12.72
N GLY D 71 -0.14 17.74 -13.06
CA GLY D 71 0.73 18.65 -13.81
C GLY D 71 2.11 18.76 -13.15
N MET D 72 2.17 18.39 -11.89
CA MET D 72 3.41 18.46 -11.10
C MET D 72 4.63 18.14 -11.99
N ASN D 73 5.55 19.09 -12.05
CA ASN D 73 6.80 18.95 -12.82
C ASN D 73 7.94 19.74 -12.18
N LEU D 74 9.10 19.09 -12.28
CA LEU D 74 10.24 19.54 -11.51
C LEU D 74 10.58 21.00 -11.56
N GLU D 75 10.60 21.67 -12.70
CA GLU D 75 11.03 23.10 -12.72
C GLU D 75 9.79 23.97 -12.88
N ALA D 76 8.88 23.88 -11.95
CA ALA D 76 7.60 24.57 -12.05
C ALA D 76 7.74 26.08 -11.89
N ARG D 77 8.25 26.42 -10.73
CA ARG D 77 8.33 27.85 -10.40
C ARG D 77 9.40 28.55 -11.19
N LYS D 78 10.15 27.81 -11.99
CA LYS D 78 11.19 28.42 -12.83
C LYS D 78 10.53 29.30 -13.90
N THR D 79 9.48 28.73 -14.45
CA THR D 79 8.70 29.45 -15.46
C THR D 79 7.37 30.01 -14.99
N LYS D 80 6.77 29.49 -13.93
CA LYS D 80 5.37 29.81 -13.63
C LYS D 80 4.82 30.43 -14.94
N LYS D 81 4.13 31.54 -14.75
CA LYS D 81 3.66 32.32 -15.92
C LYS D 81 4.94 33.09 -16.34
ZN ZN E . 4.24 -14.52 3.25
ZN ZN F . -6.64 -4.29 -1.72
ZN ZN G . -1.78 15.47 -1.32
ZN ZN H . -2.42 1.37 -7.62
#